data_9PYR
#
_entry.id   9PYR
#
_cell.length_a   78.537
_cell.length_b   90.847
_cell.length_c   100.948
_cell.angle_alpha   90.000
_cell.angle_beta   90.000
_cell.angle_gamma   90.000
#
_symmetry.space_group_name_H-M   'P 21 21 21'
#
loop_
_entity.id
_entity.type
_entity.pdbx_description
1 polymer GLU-THR-LYS-LYS-ARG-ARG-ARG-ILE
2 polymer 'Importin subunit alpha-1'
3 water water
#
loop_
_entity_poly.entity_id
_entity_poly.type
_entity_poly.pdbx_seq_one_letter_code
_entity_poly.pdbx_strand_id
1 'polypeptide(L)' ETKKRRRILE C,M
2 'polypeptide(L)'
;MHHHHHHSSGLVPRGSGMLETAAALFERNHMDSPDLGTDDDDLAMADIGSNQGTVNWSVEDIVKGINSNNLESQLQATQA
ARKLLSREKQPPIDNIIRAGLIPKFVSFLGKTDCSPIQFESAWALTNIASGTSEQTKAVVDGGAIPAFISLLASPHAHIS
EQAVWALGNIAGDGSAFRDLVIKHGAIDPLLALLAVPDLSTLACGYLRNLTWTLSNLCRNKNPAPPLDAVEQILPTLVRL
LHHNDPEVLADSCWAISYLTDGPNERIEMVVKKGVVPQLVKLLGATELPIVTPALRAIGNIVTGTDEQTQKVIDAGALAV
FPSLLTNPKTNIQKEATWTMSNITAGRQDQIQQVVNHGLVPFLVGVLSKADFKTQKEAAWAITNYTSGGTVEQIVYLVHC
GIIEPLMNLLSAKDTKIIQVILDAISNIFQAAEKLGETEKLSIMIEECGGLDKIEALQRHENESVYKASLNLIEKYFSVE
EEEDQNVVPETTSEGFAFQVQDGAPGTFNF
;
E
#
# COMPACT_ATOMS: atom_id res chain seq x y z
N GLU A 1 4.84 -3.42 -1.17
CA GLU A 1 5.03 -4.59 -2.01
C GLU A 1 6.48 -4.64 -2.49
N THR A 2 6.74 -5.36 -3.58
CA THR A 2 8.10 -5.59 -4.07
C THR A 2 8.27 -4.88 -5.41
N LYS A 3 8.75 -3.64 -5.34
CA LYS A 3 9.16 -2.92 -6.54
C LYS A 3 10.39 -3.62 -7.11
N LYS A 4 10.26 -4.18 -8.31
CA LYS A 4 11.36 -4.88 -9.01
C LYS A 4 11.67 -6.28 -8.45
N ARG A 5 11.94 -7.22 -9.36
CA ARG A 5 12.16 -8.64 -9.04
C ARG A 5 13.19 -9.26 -9.98
N ARG A 6 14.20 -9.93 -9.41
CA ARG A 6 15.21 -10.62 -10.20
C ARG A 6 14.89 -12.10 -10.31
N ARG A 7 15.16 -12.68 -11.49
CA ARG A 7 14.89 -14.10 -11.74
C ARG A 7 16.13 -14.94 -11.43
N ILE A 8 16.06 -15.75 -10.37
CA ILE A 8 17.15 -16.61 -9.96
C ILE A 8 16.89 -18.05 -10.35
N GLY B 53 29.02 -26.29 -20.91
CA GLY B 53 29.30 -25.48 -19.74
C GLY B 53 29.24 -24.00 -20.03
N THR B 54 28.05 -23.41 -19.87
CA THR B 54 27.90 -21.96 -19.82
C THR B 54 27.89 -21.44 -18.39
N VAL B 55 28.48 -22.19 -17.46
CA VAL B 55 28.57 -21.83 -16.04
C VAL B 55 29.96 -21.25 -15.75
N ASN B 56 30.00 -20.12 -15.05
CA ASN B 56 31.21 -19.47 -14.57
C ASN B 56 32.03 -18.76 -15.66
N TRP B 57 31.44 -18.26 -16.74
CA TRP B 57 32.31 -17.56 -17.67
C TRP B 57 32.76 -16.23 -17.09
N SER B 58 33.82 -15.68 -17.65
CA SER B 58 34.24 -14.32 -17.34
C SER B 58 33.52 -13.35 -18.25
N VAL B 59 33.46 -12.10 -17.81
CA VAL B 59 32.86 -11.06 -18.65
C VAL B 59 33.67 -10.87 -19.92
N GLU B 60 34.99 -11.09 -19.85
CA GLU B 60 35.80 -11.01 -21.05
C GLU B 60 35.37 -12.06 -22.07
N ASP B 61 35.18 -13.30 -21.61
CA ASP B 61 34.78 -14.37 -22.52
C ASP B 61 33.42 -14.07 -23.14
N ILE B 62 32.49 -13.56 -22.33
CA ILE B 62 31.15 -13.26 -22.81
C ILE B 62 31.21 -12.28 -23.96
N VAL B 63 32.07 -11.27 -23.81
CA VAL B 63 32.21 -10.26 -24.85
C VAL B 63 32.80 -10.86 -26.12
N LYS B 64 33.74 -11.79 -25.96
CA LYS B 64 34.41 -12.35 -27.12
C LYS B 64 33.41 -13.09 -28.00
N GLY B 65 32.47 -13.80 -27.38
CA GLY B 65 31.47 -14.55 -28.11
C GLY B 65 30.37 -13.69 -28.69
N ILE B 66 29.93 -12.68 -27.92
CA ILE B 66 28.88 -11.81 -28.44
C ILE B 66 29.41 -11.00 -29.61
N ASN B 67 30.72 -10.78 -29.68
CA ASN B 67 31.32 -10.06 -30.79
C ASN B 67 31.72 -10.96 -31.95
N SER B 68 31.54 -12.28 -31.83
CA SER B 68 31.79 -13.15 -32.96
C SER B 68 30.68 -13.00 -33.99
N ASN B 69 31.00 -13.35 -35.23
CA ASN B 69 29.99 -13.28 -36.30
C ASN B 69 29.26 -14.61 -36.45
N ASN B 70 28.83 -15.18 -35.33
CA ASN B 70 28.37 -16.56 -35.25
C ASN B 70 27.16 -16.59 -34.31
N LEU B 71 25.98 -16.78 -34.88
CA LEU B 71 24.77 -16.68 -34.08
C LEU B 71 24.79 -17.67 -32.91
N GLU B 72 25.33 -18.87 -33.13
CA GLU B 72 25.36 -19.85 -32.04
C GLU B 72 26.40 -19.49 -31.00
N SER B 73 27.55 -18.97 -31.41
CA SER B 73 28.51 -18.49 -30.44
C SER B 73 27.88 -17.37 -29.61
N GLN B 74 27.18 -16.46 -30.27
CA GLN B 74 26.50 -15.38 -29.57
C GLN B 74 25.47 -15.93 -28.60
N LEU B 75 24.74 -16.97 -29.01
CA LEU B 75 23.72 -17.55 -28.13
C LEU B 75 24.36 -18.14 -26.88
N GLN B 76 25.50 -18.81 -27.03
CA GLN B 76 26.16 -19.42 -25.88
C GLN B 76 26.65 -18.33 -24.91
N ALA B 77 27.29 -17.30 -25.45
CA ALA B 77 27.75 -16.20 -24.59
C ALA B 77 26.58 -15.52 -23.89
N THR B 78 25.45 -15.36 -24.59
CA THR B 78 24.32 -14.69 -23.97
C THR B 78 23.74 -15.52 -22.83
N GLN B 79 23.67 -16.84 -23.02
CA GLN B 79 23.26 -17.71 -21.93
C GLN B 79 24.26 -17.70 -20.78
N ALA B 80 25.54 -17.56 -21.08
CA ALA B 80 26.52 -17.39 -19.99
C ALA B 80 26.22 -16.13 -19.20
N ALA B 81 25.91 -15.03 -19.90
CA ALA B 81 25.53 -13.79 -19.21
C ALA B 81 24.29 -14.00 -18.35
N ARG B 82 23.24 -14.57 -18.93
CA ARG B 82 22.03 -14.83 -18.16
C ARG B 82 22.37 -15.55 -16.85
N LYS B 83 23.29 -16.51 -16.91
CA LYS B 83 23.57 -17.33 -15.74
C LYS B 83 24.35 -16.54 -14.69
N LEU B 84 25.30 -15.73 -15.13
CA LEU B 84 25.92 -14.79 -14.21
C LEU B 84 24.88 -13.93 -13.49
N LEU B 85 23.95 -13.35 -14.25
CA LEU B 85 23.00 -12.39 -13.70
C LEU B 85 21.92 -13.02 -12.86
N SER B 86 21.79 -14.34 -12.86
CA SER B 86 20.74 -15.01 -12.11
C SER B 86 21.28 -15.82 -10.94
N ARG B 87 22.52 -15.57 -10.54
CA ARG B 87 23.06 -16.19 -9.35
C ARG B 87 22.64 -15.35 -8.14
N GLU B 88 22.58 -15.99 -6.97
CA GLU B 88 22.02 -15.31 -5.82
C GLU B 88 23.02 -14.38 -5.16
N LYS B 89 24.29 -14.55 -5.41
CA LYS B 89 25.38 -13.88 -4.71
C LYS B 89 25.93 -12.81 -5.64
N GLN B 90 25.54 -11.56 -5.36
CA GLN B 90 26.12 -10.37 -5.98
C GLN B 90 26.30 -10.49 -7.49
N PRO B 91 25.23 -10.41 -8.26
CA PRO B 91 25.37 -10.50 -9.73
C PRO B 91 26.12 -9.31 -10.29
N PRO B 92 26.94 -9.51 -11.30
CA PRO B 92 27.82 -8.42 -11.77
C PRO B 92 27.15 -7.49 -12.78
N ILE B 93 26.06 -6.84 -12.34
CA ILE B 93 25.29 -6.00 -13.24
C ILE B 93 26.14 -4.87 -13.81
N ASP B 94 26.88 -4.16 -12.95
CA ASP B 94 27.63 -3.01 -13.43
C ASP B 94 28.72 -3.43 -14.43
N ASN B 95 29.36 -4.56 -14.20
CA ASN B 95 30.38 -5.02 -15.14
C ASN B 95 29.79 -5.29 -16.50
N ILE B 96 28.61 -5.93 -16.54
CA ILE B 96 27.95 -6.20 -17.80
C ILE B 96 27.62 -4.90 -18.51
N ILE B 97 27.09 -3.92 -17.78
CA ILE B 97 26.78 -2.64 -18.40
C ILE B 97 28.04 -2.00 -18.95
N ARG B 98 29.07 -1.87 -18.12
CA ARG B 98 30.30 -1.19 -18.55
C ARG B 98 30.92 -1.86 -19.77
N ALA B 99 30.73 -3.18 -19.93
CA ALA B 99 31.24 -3.89 -21.09
C ALA B 99 30.53 -3.52 -22.39
N GLY B 100 29.45 -2.74 -22.33
CA GLY B 100 28.77 -2.31 -23.53
C GLY B 100 27.76 -3.30 -24.09
N LEU B 101 27.27 -4.25 -23.29
CA LEU B 101 26.50 -5.35 -23.82
C LEU B 101 25.01 -5.06 -24.04
N ILE B 102 24.44 -4.01 -23.44
CA ILE B 102 22.99 -3.85 -23.48
C ILE B 102 22.45 -3.68 -24.89
N PRO B 103 23.05 -2.85 -25.75
CA PRO B 103 22.55 -2.76 -27.13
C PRO B 103 22.58 -4.09 -27.85
N LYS B 104 23.57 -4.95 -27.57
CA LYS B 104 23.64 -6.24 -28.25
C LYS B 104 22.47 -7.10 -27.81
N PHE B 105 22.22 -7.17 -26.50
CA PHE B 105 21.07 -7.93 -25.99
C PHE B 105 19.77 -7.41 -26.57
N VAL B 106 19.62 -6.09 -26.62
CA VAL B 106 18.40 -5.49 -27.16
C VAL B 106 18.22 -5.91 -28.61
N SER B 107 19.28 -5.88 -29.40
CA SER B 107 19.16 -6.31 -30.79
C SER B 107 18.79 -7.78 -30.89
N PHE B 108 19.26 -8.60 -29.96
CA PHE B 108 18.92 -10.03 -30.02
C PHE B 108 17.42 -10.23 -29.81
N LEU B 109 16.77 -9.34 -29.07
CA LEU B 109 15.34 -9.52 -28.80
C LEU B 109 14.54 -9.66 -30.10
N GLY B 110 15.02 -9.07 -31.19
CA GLY B 110 14.29 -9.11 -32.43
C GLY B 110 14.65 -10.22 -33.41
N LYS B 111 15.51 -11.14 -33.01
CA LYS B 111 15.87 -12.25 -33.89
C LYS B 111 14.74 -13.28 -33.82
N THR B 112 13.66 -12.98 -34.54
CA THR B 112 12.52 -13.88 -34.55
C THR B 112 12.89 -15.27 -35.04
N ASP B 113 13.93 -15.37 -35.87
CA ASP B 113 14.36 -16.67 -36.40
C ASP B 113 15.06 -17.53 -35.37
N CYS B 114 15.49 -16.96 -34.24
CA CYS B 114 16.24 -17.70 -33.22
C CYS B 114 15.64 -17.46 -31.83
N SER B 115 14.49 -18.09 -31.59
CA SER B 115 13.80 -17.82 -30.34
C SER B 115 14.65 -18.09 -29.10
N PRO B 116 15.60 -19.01 -29.10
CA PRO B 116 16.36 -19.24 -27.85
C PRO B 116 17.15 -18.03 -27.43
N ILE B 117 17.69 -17.24 -28.37
CA ILE B 117 18.49 -16.09 -27.97
C ILE B 117 17.59 -14.94 -27.59
N GLN B 118 16.41 -14.87 -28.21
CA GLN B 118 15.35 -13.98 -27.74
C GLN B 118 15.10 -14.18 -26.25
N PHE B 119 14.96 -15.43 -25.82
CA PHE B 119 14.65 -15.74 -24.43
C PHE B 119 15.79 -15.34 -23.50
N GLU B 120 17.01 -15.77 -23.83
CA GLU B 120 18.16 -15.53 -22.96
C GLU B 120 18.45 -14.04 -22.82
N SER B 121 18.41 -13.29 -23.91
CA SER B 121 18.64 -11.85 -23.79
C SER B 121 17.51 -11.21 -22.99
N ALA B 122 16.28 -11.67 -23.18
CA ALA B 122 15.16 -11.15 -22.41
C ALA B 122 15.38 -11.36 -20.93
N TRP B 123 15.81 -12.56 -20.55
CA TRP B 123 16.08 -12.85 -19.15
C TRP B 123 17.23 -11.99 -18.63
N ALA B 124 18.31 -11.90 -19.40
CA ALA B 124 19.47 -11.12 -18.95
C ALA B 124 19.09 -9.68 -18.71
N LEU B 125 18.33 -9.09 -19.65
CA LEU B 125 17.93 -7.69 -19.51
C LEU B 125 16.97 -7.49 -18.36
N THR B 126 16.06 -8.45 -18.15
CA THR B 126 15.16 -8.39 -16.99
C THR B 126 15.95 -8.23 -15.70
N ASN B 127 17.05 -8.96 -15.56
CA ASN B 127 17.78 -8.95 -14.30
C ASN B 127 18.64 -7.70 -14.16
N ILE B 128 19.15 -7.17 -15.27
CA ILE B 128 19.79 -5.86 -15.21
C ILE B 128 18.79 -4.79 -14.79
N ALA B 129 17.56 -4.86 -15.30
CA ALA B 129 16.55 -3.88 -14.96
C ALA B 129 16.01 -4.08 -13.55
N SER B 130 16.31 -5.21 -12.91
CA SER B 130 15.90 -5.41 -11.52
C SER B 130 16.72 -4.59 -10.54
N GLY B 131 17.77 -3.93 -11.01
CA GLY B 131 18.70 -3.25 -10.13
C GLY B 131 18.28 -1.86 -9.73
N THR B 132 19.27 -0.99 -9.60
CA THR B 132 19.06 0.41 -9.24
C THR B 132 18.38 1.17 -10.38
N SER B 133 18.00 2.41 -10.09
CA SER B 133 17.46 3.26 -11.13
C SER B 133 18.49 3.51 -12.22
N GLU B 134 19.75 3.69 -11.84
CA GLU B 134 20.77 3.87 -12.87
C GLU B 134 20.84 2.64 -13.78
N GLN B 135 20.77 1.45 -13.19
CA GLN B 135 20.86 0.24 -14.00
C GLN B 135 19.62 0.07 -14.88
N THR B 136 18.44 0.34 -14.33
CA THR B 136 17.22 0.26 -15.13
C THR B 136 17.24 1.28 -16.27
N LYS B 137 17.78 2.47 -15.98
CA LYS B 137 17.91 3.49 -17.01
C LYS B 137 18.77 2.99 -18.16
N ALA B 138 19.79 2.16 -17.86
CA ALA B 138 20.68 1.67 -18.91
C ALA B 138 19.93 0.76 -19.87
N VAL B 139 19.00 -0.04 -19.34
CA VAL B 139 18.19 -0.89 -20.19
C VAL B 139 17.25 -0.06 -21.05
N VAL B 140 16.61 0.94 -20.45
CA VAL B 140 15.70 1.80 -21.21
C VAL B 140 16.47 2.57 -22.27
N ASP B 141 17.66 3.06 -21.93
CA ASP B 141 18.41 3.85 -22.90
C ASP B 141 18.83 3.00 -24.09
N GLY B 142 18.93 1.67 -23.91
CA GLY B 142 19.25 0.75 -25.00
C GLY B 142 18.13 0.48 -26.01
N GLY B 143 16.96 1.12 -25.86
CA GLY B 143 15.85 0.86 -26.76
C GLY B 143 15.00 -0.34 -26.40
N ALA B 144 15.12 -0.85 -25.17
CA ALA B 144 14.48 -2.10 -24.80
C ALA B 144 12.95 -2.02 -24.78
N ILE B 145 12.36 -0.87 -24.48
CA ILE B 145 10.92 -0.82 -24.23
C ILE B 145 10.12 -1.24 -25.47
N PRO B 146 10.31 -0.61 -26.63
CA PRO B 146 9.56 -1.07 -27.81
C PRO B 146 9.87 -2.52 -28.16
N ALA B 147 11.11 -2.96 -27.92
CA ALA B 147 11.46 -4.34 -28.23
C ALA B 147 10.69 -5.32 -27.35
N PHE B 148 10.62 -5.04 -26.05
CA PHE B 148 9.88 -5.91 -25.15
C PHE B 148 8.40 -5.91 -25.45
N ILE B 149 7.85 -4.78 -25.91
CA ILE B 149 6.44 -4.74 -26.25
C ILE B 149 6.17 -5.60 -27.47
N SER B 150 7.07 -5.56 -28.46
CA SER B 150 6.93 -6.47 -29.60
C SER B 150 6.90 -7.91 -29.13
N LEU B 151 7.77 -8.26 -28.18
CA LEU B 151 7.86 -9.64 -27.72
C LEU B 151 6.61 -10.13 -27.01
N LEU B 152 5.71 -9.23 -26.61
CA LEU B 152 4.48 -9.68 -25.97
C LEU B 152 3.63 -10.51 -26.92
N ALA B 153 3.89 -10.40 -28.23
CA ALA B 153 3.17 -11.15 -29.25
C ALA B 153 3.85 -12.46 -29.65
N SER B 154 4.94 -12.82 -29.00
CA SER B 154 5.64 -14.05 -29.35
C SER B 154 4.71 -15.24 -29.22
N PRO B 155 4.80 -16.20 -30.15
CA PRO B 155 4.07 -17.47 -29.97
C PRO B 155 4.61 -18.33 -28.85
N HIS B 156 5.77 -18.04 -28.31
CA HIS B 156 6.36 -18.82 -27.23
C HIS B 156 5.99 -18.16 -25.91
N ALA B 157 5.24 -18.89 -25.08
CA ALA B 157 4.75 -18.32 -23.84
C ALA B 157 5.89 -17.97 -22.90
N HIS B 158 6.95 -18.77 -22.87
CA HIS B 158 8.05 -18.46 -21.96
C HIS B 158 8.78 -17.20 -22.39
N ILE B 159 8.69 -16.83 -23.67
CA ILE B 159 9.33 -15.58 -24.11
C ILE B 159 8.45 -14.38 -23.82
N SER B 160 7.14 -14.50 -24.06
CA SER B 160 6.25 -13.37 -23.76
C SER B 160 6.14 -13.16 -22.26
N GLU B 161 6.17 -14.24 -21.48
CA GLU B 161 6.23 -14.10 -20.03
C GLU B 161 7.44 -13.27 -19.60
N GLN B 162 8.59 -13.51 -20.24
CA GLN B 162 9.79 -12.79 -19.84
C GLN B 162 9.67 -11.32 -20.18
N ALA B 163 9.07 -11.01 -21.34
CA ALA B 163 8.83 -9.62 -21.68
C ALA B 163 7.87 -8.95 -20.69
N VAL B 164 6.87 -9.70 -20.18
CA VAL B 164 5.97 -9.13 -19.16
C VAL B 164 6.75 -8.75 -17.91
N TRP B 165 7.60 -9.67 -17.45
CA TRP B 165 8.41 -9.45 -16.26
C TRP B 165 9.32 -8.26 -16.44
N ALA B 166 10.00 -8.18 -17.58
CA ALA B 166 10.93 -7.10 -17.82
C ALA B 166 10.23 -5.75 -17.76
N LEU B 167 9.11 -5.63 -18.49
CA LEU B 167 8.33 -4.40 -18.47
C LEU B 167 7.87 -4.06 -17.04
N GLY B 168 7.56 -5.08 -16.25
CA GLY B 168 7.27 -4.83 -14.84
C GLY B 168 8.42 -4.16 -14.10
N ASN B 169 9.66 -4.64 -14.30
CA ASN B 169 10.78 -4.05 -13.59
C ASN B 169 11.00 -2.60 -14.03
N ILE B 170 10.78 -2.30 -15.31
CA ILE B 170 10.99 -0.95 -15.82
C ILE B 170 9.91 0.00 -15.28
N ALA B 171 8.64 -0.40 -15.38
CA ALA B 171 7.58 0.44 -14.84
C ALA B 171 7.76 0.60 -13.34
N GLY B 172 8.20 -0.44 -12.66
CA GLY B 172 8.40 -0.39 -11.23
C GLY B 172 9.41 0.64 -10.76
N ASP B 173 10.23 1.17 -11.66
CA ASP B 173 11.23 2.12 -11.20
C ASP B 173 10.58 3.40 -10.68
N GLY B 174 9.46 3.81 -11.24
CA GLY B 174 8.84 5.06 -10.81
C GLY B 174 7.98 5.69 -11.89
N SER B 175 7.46 6.87 -11.54
CA SER B 175 6.44 7.54 -12.33
C SER B 175 6.85 7.69 -13.79
N ALA B 176 8.07 8.15 -14.02
CA ALA B 176 8.46 8.54 -15.38
C ALA B 176 8.58 7.31 -16.28
N PHE B 177 9.27 6.27 -15.82
CA PHE B 177 9.39 5.09 -16.67
C PHE B 177 8.04 4.39 -16.81
N ARG B 178 7.24 4.39 -15.74
CA ARG B 178 5.88 3.87 -15.82
C ARG B 178 5.12 4.55 -16.94
N ASP B 179 5.20 5.88 -17.00
CA ASP B 179 4.46 6.61 -18.03
C ASP B 179 5.09 6.37 -19.40
N LEU B 180 6.38 6.09 -19.45
CA LEU B 180 7.02 5.83 -20.74
C LEU B 180 6.59 4.46 -21.28
N VAL B 181 6.49 3.46 -20.41
CA VAL B 181 5.98 2.18 -20.89
C VAL B 181 4.56 2.32 -21.41
N ILE B 182 3.75 3.16 -20.75
CA ILE B 182 2.37 3.34 -21.19
C ILE B 182 2.32 4.08 -22.51
N LYS B 183 3.22 5.07 -22.71
CA LYS B 183 3.23 5.80 -23.97
C LYS B 183 3.65 4.92 -25.14
N HIS B 184 4.54 3.95 -24.90
CA HIS B 184 4.94 3.02 -25.94
C HIS B 184 3.86 1.99 -26.24
N GLY B 185 2.74 2.00 -25.51
CA GLY B 185 1.61 1.18 -25.87
C GLY B 185 1.57 -0.19 -25.25
N ALA B 186 2.15 -0.37 -24.06
CA ALA B 186 2.20 -1.71 -23.48
C ALA B 186 0.83 -2.21 -23.03
N ILE B 187 -0.11 -1.31 -22.71
CA ILE B 187 -1.30 -1.75 -21.99
C ILE B 187 -2.18 -2.64 -22.86
N ASP B 188 -2.40 -2.26 -24.12
CA ASP B 188 -3.25 -3.09 -24.98
C ASP B 188 -2.73 -4.52 -25.07
N PRO B 189 -1.49 -4.76 -25.47
CA PRO B 189 -1.05 -6.16 -25.60
C PRO B 189 -0.97 -6.90 -24.29
N LEU B 190 -0.69 -6.22 -23.17
CA LEU B 190 -0.75 -6.91 -21.88
C LEU B 190 -2.17 -7.42 -21.61
N LEU B 191 -3.16 -6.54 -21.73
CA LEU B 191 -4.53 -6.95 -21.43
C LEU B 191 -4.98 -8.04 -22.40
N ALA B 192 -4.47 -8.03 -23.62
CA ALA B 192 -4.85 -9.06 -24.58
C ALA B 192 -4.39 -10.43 -24.16
N LEU B 193 -3.32 -10.52 -23.39
CA LEU B 193 -2.84 -11.80 -22.88
C LEU B 193 -3.78 -12.40 -21.83
N LEU B 194 -4.72 -11.63 -21.32
CA LEU B 194 -5.67 -12.11 -20.30
C LEU B 194 -7.06 -12.30 -20.87
N ALA B 195 -7.26 -12.03 -22.16
CA ALA B 195 -8.58 -12.12 -22.78
C ALA B 195 -8.88 -13.59 -23.09
N VAL B 196 -9.27 -14.30 -22.03
CA VAL B 196 -9.72 -15.69 -22.16
C VAL B 196 -10.94 -15.88 -21.28
N PRO B 197 -11.83 -16.78 -21.73
CA PRO B 197 -13.07 -16.96 -20.95
C PRO B 197 -12.82 -17.26 -19.48
N ASP B 198 -11.82 -18.10 -19.17
CA ASP B 198 -11.60 -18.55 -17.79
C ASP B 198 -10.10 -18.48 -17.49
N LEU B 199 -9.75 -17.60 -16.56
CA LEU B 199 -8.34 -17.39 -16.22
C LEU B 199 -7.66 -18.66 -15.73
N SER B 200 -8.42 -19.66 -15.29
CA SER B 200 -7.77 -20.86 -14.76
C SER B 200 -7.11 -21.69 -15.84
N THR B 201 -7.39 -21.44 -17.11
CA THR B 201 -6.69 -22.16 -18.17
C THR B 201 -5.29 -21.61 -18.42
N LEU B 202 -4.94 -20.50 -17.84
CA LEU B 202 -3.59 -19.97 -17.99
C LEU B 202 -2.71 -20.60 -16.92
N ALA B 203 -1.41 -20.62 -17.21
CA ALA B 203 -0.44 -21.16 -16.27
C ALA B 203 -0.31 -20.26 -15.06
N CYS B 204 -0.28 -20.87 -13.88
CA CYS B 204 -0.25 -20.11 -12.64
C CYS B 204 0.82 -19.02 -12.67
N GLY B 205 2.07 -19.41 -12.92
CA GLY B 205 3.15 -18.43 -12.87
C GLY B 205 3.03 -17.36 -13.96
N TYR B 206 2.47 -17.71 -15.11
CA TYR B 206 2.25 -16.73 -16.16
C TYR B 206 1.26 -15.67 -15.70
N LEU B 207 0.15 -16.10 -15.10
CA LEU B 207 -0.85 -15.15 -14.62
C LEU B 207 -0.33 -14.32 -13.47
N ARG B 208 0.49 -14.91 -12.62
CA ARG B 208 1.08 -14.15 -11.51
C ARG B 208 1.97 -13.03 -12.02
N ASN B 209 2.76 -13.29 -13.06
CA ASN B 209 3.65 -12.24 -13.55
C ASN B 209 2.85 -11.12 -14.20
N LEU B 210 1.79 -11.46 -14.93
CA LEU B 210 0.94 -10.44 -15.53
C LEU B 210 0.34 -9.54 -14.46
N THR B 211 -0.26 -10.14 -13.44
CA THR B 211 -0.87 -9.36 -12.36
C THR B 211 0.17 -8.45 -11.72
N TRP B 212 1.36 -8.98 -11.44
CA TRP B 212 2.39 -8.17 -10.78
C TRP B 212 2.73 -6.96 -11.64
N THR B 213 2.94 -7.18 -12.94
CA THR B 213 3.28 -6.07 -13.81
C THR B 213 2.14 -5.06 -13.88
N LEU B 214 0.91 -5.53 -13.92
CA LEU B 214 -0.21 -4.59 -13.94
C LEU B 214 -0.24 -3.75 -12.67
N SER B 215 0.03 -4.38 -11.52
CA SER B 215 0.06 -3.59 -10.30
C SER B 215 1.14 -2.51 -10.37
N ASN B 216 2.28 -2.79 -11.01
CA ASN B 216 3.31 -1.75 -11.10
C ASN B 216 2.90 -0.59 -12.03
N LEU B 217 2.05 -0.86 -13.01
CA LEU B 217 1.54 0.23 -13.84
C LEU B 217 0.56 1.11 -13.10
N CYS B 218 -0.02 0.61 -12.00
CA CYS B 218 -0.89 1.42 -11.14
C CYS B 218 -0.14 2.15 -10.03
N ARG B 219 1.15 1.89 -9.89
CA ARG B 219 1.91 2.26 -8.71
C ARG B 219 2.56 3.63 -8.91
N ASN B 220 2.92 4.23 -7.78
CA ASN B 220 3.62 5.51 -7.68
C ASN B 220 2.70 6.71 -7.85
N LYS B 221 3.20 7.87 -7.40
CA LYS B 221 2.47 9.12 -7.42
C LYS B 221 3.42 10.24 -7.86
N ASN B 222 2.89 11.44 -7.95
CA ASN B 222 3.66 12.60 -8.38
C ASN B 222 4.35 12.28 -9.71
N PRO B 223 3.59 12.01 -10.76
CA PRO B 223 2.12 11.94 -10.70
C PRO B 223 1.59 10.52 -10.60
N ALA B 224 0.31 10.40 -10.25
CA ALA B 224 -0.40 9.15 -10.34
C ALA B 224 -0.50 8.75 -11.80
N PRO B 225 -0.91 7.52 -12.08
CA PRO B 225 -0.97 7.06 -13.48
C PRO B 225 -2.04 7.80 -14.26
N PRO B 226 -1.95 7.81 -15.59
CA PRO B 226 -2.96 8.51 -16.39
C PRO B 226 -4.35 7.95 -16.20
N LEU B 227 -5.34 8.84 -16.14
CA LEU B 227 -6.71 8.42 -15.89
C LEU B 227 -7.22 7.48 -16.99
N ASP B 228 -6.88 7.77 -18.24
CA ASP B 228 -7.33 6.88 -19.32
C ASP B 228 -6.74 5.49 -19.13
N ALA B 229 -5.45 5.41 -18.76
CA ALA B 229 -4.84 4.10 -18.54
C ALA B 229 -5.49 3.35 -17.38
N VAL B 230 -5.85 4.08 -16.31
CA VAL B 230 -6.51 3.44 -15.18
C VAL B 230 -7.88 2.90 -15.59
N GLU B 231 -8.62 3.66 -16.41
CA GLU B 231 -9.91 3.16 -16.88
C GLU B 231 -9.74 1.88 -17.70
N GLN B 232 -8.68 1.83 -18.50
CA GLN B 232 -8.43 0.66 -19.34
C GLN B 232 -8.10 -0.56 -18.51
N ILE B 233 -7.42 -0.38 -17.38
CA ILE B 233 -6.92 -1.50 -16.59
C ILE B 233 -7.94 -1.98 -15.57
N LEU B 234 -8.80 -1.10 -15.07
CA LEU B 234 -9.65 -1.46 -13.94
C LEU B 234 -10.53 -2.66 -14.20
N PRO B 235 -11.22 -2.77 -15.34
CA PRO B 235 -12.04 -3.96 -15.56
C PRO B 235 -11.28 -5.25 -15.36
N THR B 236 -10.05 -5.30 -15.86
CA THR B 236 -9.27 -6.53 -15.71
C THR B 236 -8.89 -6.76 -14.26
N LEU B 237 -8.47 -5.70 -13.57
CA LEU B 237 -8.18 -5.84 -12.15
C LEU B 237 -9.37 -6.44 -11.42
N VAL B 238 -10.57 -5.91 -11.68
CA VAL B 238 -11.78 -6.44 -11.05
C VAL B 238 -11.86 -7.95 -11.27
N ARG B 239 -11.59 -8.41 -12.50
CA ARG B 239 -11.66 -9.83 -12.77
C ARG B 239 -10.61 -10.59 -11.96
N LEU B 240 -9.38 -10.06 -11.91
CA LEU B 240 -8.33 -10.77 -11.17
C LEU B 240 -8.61 -10.80 -9.68
N LEU B 241 -9.32 -9.80 -9.17
CA LEU B 241 -9.70 -9.77 -7.76
C LEU B 241 -10.62 -10.91 -7.39
N HIS B 242 -11.22 -11.59 -8.37
CA HIS B 242 -12.12 -12.72 -8.13
C HIS B 242 -11.46 -14.06 -8.46
N HIS B 243 -10.18 -14.06 -8.78
CA HIS B 243 -9.43 -15.28 -9.06
C HIS B 243 -8.92 -15.88 -7.77
N ASN B 244 -8.80 -17.21 -7.77
CA ASN B 244 -8.62 -17.97 -6.54
C ASN B 244 -7.16 -18.25 -6.19
N ASP B 245 -6.20 -17.56 -6.81
CA ASP B 245 -4.83 -17.80 -6.45
C ASP B 245 -4.37 -16.76 -5.44
N PRO B 246 -3.88 -17.17 -4.27
CA PRO B 246 -3.53 -16.15 -3.27
C PRO B 246 -2.59 -15.07 -3.81
N GLU B 247 -1.63 -15.44 -4.66
CA GLU B 247 -0.66 -14.47 -5.15
C GLU B 247 -1.31 -13.46 -6.09
N VAL B 248 -2.17 -13.94 -6.99
CA VAL B 248 -2.90 -13.03 -7.85
C VAL B 248 -3.72 -12.07 -7.02
N LEU B 249 -4.33 -12.58 -5.95
CA LEU B 249 -5.22 -11.77 -5.12
C LEU B 249 -4.45 -10.73 -4.32
N ALA B 250 -3.26 -11.05 -3.84
CA ALA B 250 -2.49 -10.06 -3.10
C ALA B 250 -2.05 -8.93 -4.02
N ASP B 251 -1.54 -9.27 -5.19
CA ASP B 251 -1.09 -8.24 -6.09
C ASP B 251 -2.25 -7.43 -6.65
N SER B 252 -3.39 -8.08 -6.88
CA SER B 252 -4.60 -7.34 -7.26
C SER B 252 -5.00 -6.33 -6.20
N CYS B 253 -4.94 -6.72 -4.92
CA CYS B 253 -5.24 -5.79 -3.84
C CYS B 253 -4.23 -4.67 -3.75
N TRP B 254 -2.94 -4.98 -3.85
CA TRP B 254 -1.94 -3.92 -3.86
C TRP B 254 -2.27 -2.90 -4.94
N ALA B 255 -2.63 -3.39 -6.12
CA ALA B 255 -2.94 -2.51 -7.23
C ALA B 255 -4.10 -1.58 -6.88
N ILE B 256 -5.17 -2.13 -6.31
CA ILE B 256 -6.29 -1.29 -5.88
C ILE B 256 -5.86 -0.33 -4.77
N SER B 257 -4.96 -0.77 -3.90
CA SER B 257 -4.49 0.13 -2.83
C SER B 257 -3.73 1.32 -3.40
N TYR B 258 -2.95 1.10 -4.47
CA TYR B 258 -2.27 2.20 -5.12
C TYR B 258 -3.29 3.17 -5.74
N LEU B 259 -4.27 2.64 -6.46
CA LEU B 259 -5.21 3.51 -7.15
C LEU B 259 -6.05 4.33 -6.17
N THR B 260 -6.37 3.78 -5.02
CA THR B 260 -7.22 4.50 -4.08
C THR B 260 -6.45 5.50 -3.24
N ASP B 261 -5.13 5.60 -3.42
CA ASP B 261 -4.30 6.50 -2.62
C ASP B 261 -4.19 7.85 -3.33
N GLY B 262 -5.30 8.56 -3.35
CA GLY B 262 -5.32 9.86 -3.97
C GLY B 262 -6.55 10.68 -3.68
N PRO B 263 -6.86 11.60 -4.59
CA PRO B 263 -8.05 12.44 -4.42
C PRO B 263 -9.33 11.65 -4.58
N ASN B 264 -10.42 12.23 -4.07
CA ASN B 264 -11.70 11.54 -4.06
C ASN B 264 -12.13 11.07 -5.44
N GLU B 265 -11.65 11.74 -6.50
CA GLU B 265 -12.03 11.33 -7.85
C GLU B 265 -11.44 9.96 -8.17
N ARG B 266 -10.20 9.71 -7.74
CA ARG B 266 -9.59 8.41 -7.97
C ARG B 266 -10.33 7.32 -7.20
N ILE B 267 -10.53 7.54 -5.89
CA ILE B 267 -11.33 6.63 -5.08
C ILE B 267 -12.63 6.29 -5.81
N GLU B 268 -13.31 7.32 -6.34
CA GLU B 268 -14.63 7.13 -6.93
C GLU B 268 -14.56 6.20 -8.14
N MET B 269 -13.49 6.33 -8.94
CA MET B 269 -13.31 5.41 -10.06
C MET B 269 -13.36 3.97 -9.58
N VAL B 270 -12.69 3.69 -8.46
CA VAL B 270 -12.62 2.32 -7.96
C VAL B 270 -13.97 1.92 -7.38
N VAL B 271 -14.54 2.77 -6.53
CA VAL B 271 -15.80 2.44 -5.86
C VAL B 271 -16.91 2.23 -6.89
N LYS B 272 -16.90 3.01 -7.98
CA LYS B 272 -17.93 2.83 -8.99
C LYS B 272 -17.90 1.43 -9.61
N LYS B 273 -16.75 0.76 -9.61
CA LYS B 273 -16.68 -0.57 -10.20
C LYS B 273 -17.27 -1.67 -9.30
N GLY B 274 -17.69 -1.33 -8.08
CA GLY B 274 -18.35 -2.28 -7.22
C GLY B 274 -17.47 -3.24 -6.46
N VAL B 275 -16.18 -2.91 -6.31
CA VAL B 275 -15.24 -3.86 -5.70
C VAL B 275 -15.19 -3.83 -4.19
N VAL B 276 -15.84 -2.84 -3.53
CA VAL B 276 -15.74 -2.74 -2.08
C VAL B 276 -16.21 -4.01 -1.40
N PRO B 277 -17.34 -4.63 -1.77
CA PRO B 277 -17.72 -5.89 -1.13
C PRO B 277 -16.65 -6.96 -1.27
N GLN B 278 -16.07 -7.13 -2.46
CA GLN B 278 -15.01 -8.12 -2.61
C GLN B 278 -13.80 -7.77 -1.76
N LEU B 279 -13.50 -6.48 -1.62
CA LEU B 279 -12.40 -6.07 -0.75
C LEU B 279 -12.66 -6.47 0.70
N VAL B 280 -13.88 -6.26 1.18
CA VAL B 280 -14.22 -6.60 2.56
C VAL B 280 -14.08 -8.11 2.77
N LYS B 281 -14.52 -8.89 1.78
CA LYS B 281 -14.31 -10.34 1.83
C LYS B 281 -12.83 -10.68 2.00
N LEU B 282 -11.98 -10.10 1.15
CA LEU B 282 -10.55 -10.40 1.27
C LEU B 282 -9.99 -9.85 2.58
N LEU B 283 -10.59 -8.78 3.11
CA LEU B 283 -10.20 -8.31 4.44
C LEU B 283 -10.33 -9.41 5.48
N GLY B 284 -11.20 -10.38 5.24
CA GLY B 284 -11.37 -11.47 6.17
C GLY B 284 -10.58 -12.70 5.83
N ALA B 285 -9.58 -12.59 4.97
CA ALA B 285 -8.80 -13.75 4.60
C ALA B 285 -7.88 -14.17 5.76
N THR B 286 -7.36 -15.40 5.66
CA THR B 286 -6.44 -15.93 6.65
C THR B 286 -5.00 -15.68 6.28
N GLU B 287 -4.74 -15.43 4.99
CA GLU B 287 -3.41 -15.13 4.48
C GLU B 287 -3.10 -13.66 4.74
N LEU B 288 -2.12 -13.41 5.61
CA LEU B 288 -1.73 -12.05 5.89
C LEU B 288 -1.26 -11.27 4.66
N PRO B 289 -0.64 -11.89 3.66
CA PRO B 289 -0.27 -11.13 2.45
C PRO B 289 -1.45 -10.65 1.64
N ILE B 290 -2.66 -11.19 1.88
CA ILE B 290 -3.86 -10.63 1.26
C ILE B 290 -4.48 -9.58 2.14
N VAL B 291 -4.54 -9.85 3.44
CA VAL B 291 -5.18 -8.91 4.36
C VAL B 291 -4.47 -7.57 4.32
N THR B 292 -3.15 -7.59 4.33
CA THR B 292 -2.42 -6.33 4.42
C THR B 292 -2.81 -5.38 3.29
N PRO B 293 -2.71 -5.76 2.01
CA PRO B 293 -3.10 -4.79 0.96
C PRO B 293 -4.57 -4.47 0.99
N ALA B 294 -5.43 -5.46 1.27
CA ALA B 294 -6.87 -5.19 1.32
C ALA B 294 -7.21 -4.17 2.39
N LEU B 295 -6.58 -4.26 3.56
CA LEU B 295 -6.86 -3.29 4.61
C LEU B 295 -6.38 -1.90 4.20
N ARG B 296 -5.21 -1.82 3.56
CA ARG B 296 -4.69 -0.54 3.09
C ARG B 296 -5.66 0.13 2.11
N ALA B 297 -6.28 -0.67 1.25
CA ALA B 297 -7.22 -0.11 0.27
C ALA B 297 -8.49 0.39 0.96
N ILE B 298 -9.06 -0.41 1.86
CA ILE B 298 -10.22 0.03 2.61
C ILE B 298 -9.92 1.33 3.36
N GLY B 299 -8.73 1.44 3.92
CA GLY B 299 -8.39 2.64 4.67
C GLY B 299 -8.24 3.86 3.77
N ASN B 300 -7.68 3.66 2.57
CA ASN B 300 -7.62 4.76 1.60
C ASN B 300 -9.03 5.23 1.26
N ILE B 301 -9.95 4.29 1.08
CA ILE B 301 -11.29 4.63 0.64
C ILE B 301 -12.01 5.48 1.69
N VAL B 302 -11.74 5.27 2.98
CA VAL B 302 -12.43 6.02 4.00
C VAL B 302 -11.76 7.35 4.31
N THR B 303 -10.69 7.69 3.60
CA THR B 303 -10.24 9.07 3.58
C THR B 303 -11.09 9.93 2.66
N GLY B 304 -12.05 9.33 1.96
CA GLY B 304 -12.85 10.04 0.99
C GLY B 304 -14.07 10.71 1.58
N THR B 305 -15.08 10.88 0.74
CA THR B 305 -16.31 11.50 1.20
C THR B 305 -16.99 10.58 2.19
N ASP B 306 -18.00 11.14 2.87
CA ASP B 306 -18.83 10.34 3.76
C ASP B 306 -19.63 9.31 2.98
N GLU B 307 -19.99 9.63 1.73
CA GLU B 307 -20.73 8.68 0.91
C GLU B 307 -19.87 7.48 0.53
N GLN B 308 -18.56 7.70 0.31
CA GLN B 308 -17.67 6.59 -0.01
C GLN B 308 -17.38 5.77 1.23
N THR B 309 -17.19 6.44 2.37
CA THR B 309 -17.02 5.75 3.64
C THR B 309 -18.21 4.82 3.91
N GLN B 310 -19.42 5.30 3.61
CA GLN B 310 -20.62 4.52 3.90
C GLN B 310 -20.64 3.20 3.13
N LYS B 311 -20.16 3.20 1.88
CA LYS B 311 -20.18 1.97 1.11
C LYS B 311 -19.32 0.90 1.77
N VAL B 312 -18.25 1.32 2.47
CA VAL B 312 -17.41 0.38 3.19
C VAL B 312 -18.17 -0.18 4.39
N ILE B 313 -18.88 0.69 5.12
CA ILE B 313 -19.70 0.22 6.23
C ILE B 313 -20.80 -0.70 5.73
N ASP B 314 -21.53 -0.27 4.70
CA ASP B 314 -22.59 -1.10 4.14
C ASP B 314 -22.07 -2.47 3.71
N ALA B 315 -20.82 -2.54 3.27
CA ALA B 315 -20.28 -3.81 2.81
C ALA B 315 -19.93 -4.77 3.93
N GLY B 316 -19.98 -4.34 5.19
CA GLY B 316 -19.73 -5.21 6.32
C GLY B 316 -18.39 -5.04 7.00
N ALA B 317 -17.61 -4.05 6.62
CA ALA B 317 -16.22 -3.98 7.06
C ALA B 317 -16.10 -3.99 8.57
N LEU B 318 -16.99 -3.30 9.27
CA LEU B 318 -16.81 -3.11 10.70
C LEU B 318 -16.85 -4.42 11.46
N ALA B 319 -17.51 -5.42 10.90
CA ALA B 319 -17.59 -6.71 11.56
C ALA B 319 -16.26 -7.41 11.67
N VAL B 320 -15.26 -6.98 10.89
CA VAL B 320 -13.95 -7.62 10.88
C VAL B 320 -12.95 -6.93 11.81
N PHE B 321 -13.31 -5.81 12.39
CA PHE B 321 -12.33 -5.02 13.10
C PHE B 321 -12.01 -5.57 14.49
N PRO B 322 -12.94 -6.24 15.18
CA PRO B 322 -12.53 -6.85 16.46
C PRO B 322 -11.25 -7.64 16.31
N SER B 323 -11.14 -8.44 15.24
CA SER B 323 -9.93 -9.22 15.00
C SER B 323 -8.78 -8.35 14.51
N LEU B 324 -9.07 -7.38 13.65
CA LEU B 324 -7.98 -6.54 13.14
C LEU B 324 -7.37 -5.68 14.25
N LEU B 325 -8.17 -5.23 15.20
CA LEU B 325 -7.66 -4.37 16.26
C LEU B 325 -6.93 -5.18 17.34
N THR B 326 -7.03 -6.51 17.30
CA THR B 326 -6.29 -7.37 18.22
C THR B 326 -5.28 -8.24 17.47
N ASN B 327 -5.05 -7.94 16.22
CA ASN B 327 -4.20 -8.76 15.37
C ASN B 327 -2.77 -8.77 15.88
N PRO B 328 -2.08 -9.91 15.85
CA PRO B 328 -0.72 -9.98 16.41
C PRO B 328 0.31 -9.25 15.58
N LYS B 329 0.04 -8.88 14.34
CA LYS B 329 0.97 -8.10 13.54
C LYS B 329 0.76 -6.61 13.81
N THR B 330 1.84 -5.94 14.21
CA THR B 330 1.74 -4.56 14.64
C THR B 330 1.18 -3.66 13.55
N ASN B 331 1.63 -3.86 12.32
CA ASN B 331 1.19 -2.98 11.24
C ASN B 331 -0.30 -3.16 10.94
N ILE B 332 -0.83 -4.37 11.07
CA ILE B 332 -2.28 -4.55 10.91
C ILE B 332 -3.02 -3.71 11.94
N GLN B 333 -2.59 -3.80 13.21
CA GLN B 333 -3.24 -3.03 14.26
C GLN B 333 -3.14 -1.54 14.00
N LYS B 334 -1.96 -1.09 13.55
CA LYS B 334 -1.79 0.31 13.25
C LYS B 334 -2.74 0.74 12.14
N GLU B 335 -2.80 -0.03 11.06
CA GLU B 335 -3.63 0.38 9.93
C GLU B 335 -5.11 0.27 10.24
N ALA B 336 -5.50 -0.71 11.05
CA ALA B 336 -6.89 -0.83 11.43
C ALA B 336 -7.33 0.34 12.29
N THR B 337 -6.45 0.84 13.15
CA THR B 337 -6.80 1.95 14.03
C THR B 337 -6.84 3.27 13.27
N TRP B 338 -5.88 3.50 12.37
CA TRP B 338 -5.96 4.66 11.47
C TRP B 338 -7.26 4.65 10.67
N THR B 339 -7.64 3.50 10.14
CA THR B 339 -8.93 3.40 9.45
C THR B 339 -10.08 3.75 10.41
N MET B 340 -10.02 3.25 11.65
CA MET B 340 -11.06 3.58 12.61
C MET B 340 -11.13 5.08 12.85
N SER B 341 -9.97 5.75 12.95
CA SER B 341 -9.97 7.18 13.20
C SER B 341 -10.64 7.93 12.06
N ASN B 342 -10.42 7.51 10.81
CA ASN B 342 -11.13 8.19 9.73
C ASN B 342 -12.61 7.82 9.69
N ILE B 343 -13.03 6.78 10.38
CA ILE B 343 -14.46 6.51 10.46
C ILE B 343 -15.10 7.30 11.60
N THR B 344 -14.40 7.49 12.72
CA THR B 344 -14.96 8.34 13.76
C THR B 344 -14.89 9.81 13.42
N ALA B 345 -14.32 10.15 12.26
CA ALA B 345 -14.33 11.50 11.73
C ALA B 345 -15.46 11.73 10.75
N GLY B 346 -16.39 10.78 10.64
CA GLY B 346 -17.54 10.92 9.78
C GLY B 346 -18.78 11.40 10.51
N ARG B 347 -19.94 11.11 9.91
CA ARG B 347 -21.21 11.54 10.44
C ARG B 347 -21.51 10.85 11.77
N GLN B 348 -22.57 11.31 12.41
CA GLN B 348 -22.95 10.77 13.72
C GLN B 348 -23.60 9.40 13.60
N ASP B 349 -24.37 9.17 12.54
CA ASP B 349 -24.88 7.83 12.26
C ASP B 349 -23.76 6.86 11.93
N GLN B 350 -22.59 7.36 11.51
CA GLN B 350 -21.46 6.47 11.26
C GLN B 350 -20.72 6.18 12.55
N ILE B 351 -20.53 7.20 13.39
CA ILE B 351 -20.04 6.94 14.75
C ILE B 351 -20.95 5.92 15.41
N GLN B 352 -22.25 6.02 15.16
CA GLN B 352 -23.20 5.12 15.81
C GLN B 352 -23.01 3.69 15.35
N GLN B 353 -22.60 3.49 14.09
CA GLN B 353 -22.33 2.13 13.62
C GLN B 353 -21.10 1.55 14.28
N VAL B 354 -20.11 2.40 14.56
CA VAL B 354 -18.96 1.97 15.35
C VAL B 354 -19.42 1.46 16.69
N VAL B 355 -20.32 2.20 17.33
CA VAL B 355 -20.83 1.79 18.63
C VAL B 355 -21.58 0.47 18.51
N ASN B 356 -22.48 0.37 17.53
CA ASN B 356 -23.32 -0.82 17.46
C ASN B 356 -22.49 -2.09 17.24
N HIS B 357 -21.38 -1.99 16.51
CA HIS B 357 -20.52 -3.14 16.26
C HIS B 357 -19.63 -3.47 17.45
N GLY B 358 -19.78 -2.76 18.57
CA GLY B 358 -19.01 -3.06 19.76
C GLY B 358 -17.55 -2.73 19.68
N LEU B 359 -17.17 -1.74 18.87
CA LEU B 359 -15.76 -1.41 18.66
C LEU B 359 -15.19 -0.37 19.63
N VAL B 360 -16.02 0.31 20.41
CA VAL B 360 -15.48 1.31 21.33
C VAL B 360 -14.62 0.58 22.37
N PRO B 361 -15.06 -0.56 22.92
CA PRO B 361 -14.19 -1.26 23.86
C PRO B 361 -12.86 -1.63 23.23
N PHE B 362 -12.84 -2.01 21.96
CA PHE B 362 -11.57 -2.35 21.32
C PHE B 362 -10.69 -1.12 21.15
N LEU B 363 -11.27 0.08 20.96
CA LEU B 363 -10.44 1.27 20.92
C LEU B 363 -9.87 1.58 22.30
N VAL B 364 -10.68 1.45 23.36
CA VAL B 364 -10.17 1.55 24.72
C VAL B 364 -8.99 0.60 24.89
N GLY B 365 -9.14 -0.63 24.39
CA GLY B 365 -8.08 -1.62 24.54
C GLY B 365 -6.79 -1.20 23.86
N VAL B 366 -6.89 -0.73 22.62
CA VAL B 366 -5.69 -0.33 21.90
C VAL B 366 -5.02 0.86 22.57
N LEU B 367 -5.82 1.79 23.10
CA LEU B 367 -5.26 2.91 23.86
C LEU B 367 -4.51 2.42 25.08
N SER B 368 -5.02 1.39 25.73
CA SER B 368 -4.43 0.93 26.97
C SER B 368 -3.11 0.20 26.74
N LYS B 369 -3.02 -0.57 25.70
CA LYS B 369 -1.86 -1.43 25.52
C LYS B 369 -1.71 -1.71 24.03
N ALA B 370 -0.63 -1.21 23.45
CA ALA B 370 -0.31 -1.44 22.04
C ALA B 370 0.97 -0.66 21.75
N ASP B 371 1.59 -1.00 20.63
CA ASP B 371 2.70 -0.22 20.10
C ASP B 371 2.35 1.27 20.12
N PHE B 372 3.34 2.10 20.42
CA PHE B 372 3.06 3.51 20.64
C PHE B 372 2.43 4.16 19.41
N LYS B 373 2.90 3.79 18.22
CA LYS B 373 2.34 4.38 17.00
C LYS B 373 0.86 3.99 16.84
N THR B 374 0.50 2.78 17.25
CA THR B 374 -0.91 2.42 17.25
C THR B 374 -1.70 3.24 18.27
N GLN B 375 -1.12 3.43 19.46
CA GLN B 375 -1.80 4.23 20.47
C GLN B 375 -2.02 5.65 19.96
N LYS B 376 -1.06 6.19 19.22
CA LYS B 376 -1.23 7.53 18.68
C LYS B 376 -2.44 7.59 17.75
N GLU B 377 -2.55 6.61 16.84
CA GLU B 377 -3.72 6.57 15.96
C GLU B 377 -5.00 6.39 16.76
N ALA B 378 -4.94 5.65 17.87
CA ALA B 378 -6.12 5.48 18.70
C ALA B 378 -6.54 6.80 19.31
N ALA B 379 -5.57 7.60 19.76
CA ALA B 379 -5.88 8.92 20.29
C ALA B 379 -6.60 9.78 19.25
N TRP B 380 -6.07 9.82 18.03
CA TRP B 380 -6.76 10.53 16.95
C TRP B 380 -8.20 10.05 16.83
N ALA B 381 -8.40 8.73 16.84
CA ALA B 381 -9.75 8.19 16.72
C ALA B 381 -10.66 8.74 17.81
N ILE B 382 -10.14 8.91 19.02
CA ILE B 382 -10.95 9.41 20.12
C ILE B 382 -11.26 10.89 19.94
N THR B 383 -10.25 11.69 19.60
CA THR B 383 -10.49 13.11 19.38
C THR B 383 -11.54 13.34 18.29
N ASN B 384 -11.44 12.62 17.18
CA ASN B 384 -12.47 12.74 16.15
C ASN B 384 -13.85 12.35 16.70
N TYR B 385 -13.91 11.22 17.41
CA TYR B 385 -15.15 10.79 18.02
C TYR B 385 -15.74 11.87 18.91
N THR B 386 -14.95 12.37 19.86
CA THR B 386 -15.46 13.38 20.80
C THR B 386 -15.80 14.68 20.08
N SER B 387 -15.10 14.96 18.98
CA SER B 387 -15.33 16.22 18.28
C SER B 387 -16.66 16.19 17.50
N GLY B 388 -17.03 15.04 16.96
CA GLY B 388 -18.22 14.99 16.10
C GLY B 388 -19.37 14.18 16.67
N GLY B 389 -19.15 13.60 17.85
CA GLY B 389 -20.18 12.76 18.42
C GLY B 389 -21.26 13.54 19.13
N THR B 390 -22.37 12.86 19.37
CA THR B 390 -23.41 13.41 20.22
C THR B 390 -22.96 13.39 21.67
N VAL B 391 -23.81 13.94 22.54
CA VAL B 391 -23.57 13.84 23.97
C VAL B 391 -23.74 12.41 24.44
N GLU B 392 -24.86 11.77 24.06
CA GLU B 392 -25.08 10.38 24.42
C GLU B 392 -23.86 9.52 24.06
N GLN B 393 -23.30 9.74 22.87
CA GLN B 393 -22.17 8.92 22.44
C GLN B 393 -20.93 9.20 23.26
N ILE B 394 -20.70 10.45 23.65
CA ILE B 394 -19.52 10.75 24.45
C ILE B 394 -19.69 10.17 25.85
N VAL B 395 -20.91 10.21 26.39
CA VAL B 395 -21.16 9.56 27.67
C VAL B 395 -20.76 8.09 27.62
N TYR B 396 -21.25 7.40 26.57
CA TYR B 396 -20.95 5.98 26.41
C TYR B 396 -19.46 5.74 26.40
N LEU B 397 -18.73 6.54 25.63
CA LEU B 397 -17.28 6.43 25.58
C LEU B 397 -16.65 6.46 26.96
N VAL B 398 -17.08 7.40 27.80
CA VAL B 398 -16.55 7.47 29.15
C VAL B 398 -16.90 6.21 29.94
N HIS B 399 -18.15 5.75 29.82
CA HIS B 399 -18.57 4.55 30.56
C HIS B 399 -17.80 3.31 30.14
N CYS B 400 -17.19 3.32 28.95
CA CYS B 400 -16.37 2.20 28.50
C CYS B 400 -14.96 2.25 29.04
N GLY B 401 -14.57 3.34 29.70
CA GLY B 401 -13.31 3.35 30.42
C GLY B 401 -12.20 4.13 29.75
N ILE B 402 -12.57 5.17 29.00
CA ILE B 402 -11.56 5.85 28.20
C ILE B 402 -10.62 6.75 29.01
N ILE B 403 -11.05 7.21 30.18
CA ILE B 403 -10.34 8.30 30.87
C ILE B 403 -8.97 7.85 31.38
N GLU B 404 -8.92 6.73 32.09
CA GLU B 404 -7.63 6.31 32.64
C GLU B 404 -6.59 6.09 31.55
N PRO B 405 -6.84 5.29 30.52
CA PRO B 405 -5.81 5.11 29.48
C PRO B 405 -5.50 6.40 28.73
N LEU B 406 -6.46 7.30 28.59
CA LEU B 406 -6.17 8.61 28.01
C LEU B 406 -5.18 9.37 28.88
N MET B 407 -5.39 9.34 30.20
CA MET B 407 -4.51 10.06 31.12
C MET B 407 -3.09 9.48 31.08
N ASN B 408 -2.98 8.15 31.08
CA ASN B 408 -1.66 7.54 31.12
C ASN B 408 -0.80 7.94 29.94
N LEU B 409 -1.41 8.34 28.83
CA LEU B 409 -0.65 8.71 27.65
C LEU B 409 -0.16 10.15 27.70
N LEU B 410 -0.50 10.90 28.75
CA LEU B 410 -0.03 12.28 28.81
C LEU B 410 1.43 12.38 29.21
N SER B 411 2.02 11.32 29.77
CA SER B 411 3.43 11.31 30.10
C SER B 411 4.28 10.78 28.95
N ALA B 412 3.75 10.77 27.74
CA ALA B 412 4.51 10.34 26.58
C ALA B 412 5.38 11.49 26.07
N LYS B 413 6.45 11.13 25.37
CA LYS B 413 7.44 12.07 24.86
C LYS B 413 7.17 12.47 23.41
N ASP B 414 5.91 12.59 23.01
CA ASP B 414 5.52 13.04 21.68
C ASP B 414 4.62 14.25 21.85
N THR B 415 5.04 15.40 21.30
CA THR B 415 4.29 16.62 21.50
C THR B 415 2.91 16.51 20.86
N LYS B 416 2.82 15.92 19.67
CA LYS B 416 1.57 15.91 18.92
C LYS B 416 0.49 15.10 19.65
N ILE B 417 0.84 13.95 20.23
CA ILE B 417 -0.17 13.15 20.90
C ILE B 417 -0.75 13.91 22.09
N ILE B 418 0.10 14.66 22.79
CA ILE B 418 -0.39 15.39 23.96
C ILE B 418 -1.40 16.44 23.52
N GLN B 419 -1.12 17.14 22.42
CA GLN B 419 -2.12 18.06 21.88
C GLN B 419 -3.42 17.33 21.59
N VAL B 420 -3.33 16.18 20.91
CA VAL B 420 -4.51 15.42 20.54
C VAL B 420 -5.31 15.04 21.78
N ILE B 421 -4.61 14.57 22.83
CA ILE B 421 -5.32 14.09 24.02
C ILE B 421 -5.98 15.25 24.76
N LEU B 422 -5.32 16.41 24.78
CA LEU B 422 -5.92 17.56 25.45
C LEU B 422 -7.17 18.01 24.72
N ASP B 423 -7.13 18.05 23.38
CA ASP B 423 -8.34 18.39 22.64
C ASP B 423 -9.47 17.46 23.02
N ALA B 424 -9.18 16.17 23.14
CA ALA B 424 -10.23 15.20 23.43
C ALA B 424 -10.85 15.45 24.79
N ILE B 425 -9.99 15.61 25.80
CA ILE B 425 -10.46 16.00 27.13
C ILE B 425 -11.35 17.22 27.03
N SER B 426 -10.81 18.31 26.48
CA SER B 426 -11.59 19.52 26.33
C SER B 426 -12.98 19.20 25.76
N ASN B 427 -13.02 18.40 24.68
CA ASN B 427 -14.31 18.05 24.09
C ASN B 427 -15.21 17.33 25.09
N ILE B 428 -14.63 16.43 25.89
CA ILE B 428 -15.44 15.70 26.85
C ILE B 428 -15.99 16.63 27.93
N PHE B 429 -15.13 17.52 28.46
CA PHE B 429 -15.60 18.50 29.42
C PHE B 429 -16.73 19.34 28.84
N GLN B 430 -16.65 19.67 27.55
CA GLN B 430 -17.73 20.43 26.94
C GLN B 430 -19.04 19.66 27.00
N ALA B 431 -18.99 18.35 26.79
CA ALA B 431 -20.22 17.57 26.89
C ALA B 431 -20.69 17.47 28.33
N ALA B 432 -19.77 17.51 29.28
CA ALA B 432 -20.13 17.45 30.69
C ALA B 432 -20.78 18.75 31.14
N GLU B 433 -20.26 19.88 30.67
CA GLU B 433 -20.97 21.14 30.84
C GLU B 433 -22.42 21.01 30.41
N LYS B 434 -22.65 20.53 29.18
CA LYS B 434 -24.01 20.40 28.66
C LYS B 434 -24.89 19.54 29.55
N LEU B 435 -24.29 18.67 30.35
CA LEU B 435 -25.02 17.86 31.31
C LEU B 435 -24.81 18.34 32.73
N GLY B 436 -24.04 19.41 32.92
CA GLY B 436 -23.77 19.90 34.26
C GLY B 436 -23.12 18.88 35.15
N GLU B 437 -22.26 18.03 34.59
CA GLU B 437 -21.55 17.04 35.39
C GLU B 437 -20.04 17.27 35.34
N THR B 438 -19.62 18.49 35.04
CA THR B 438 -18.20 18.80 34.99
C THR B 438 -17.47 18.42 36.27
N GLU B 439 -18.18 18.35 37.39
CA GLU B 439 -17.52 18.01 38.65
C GLU B 439 -17.22 16.50 38.71
N LYS B 440 -18.22 15.66 38.39
CA LYS B 440 -17.98 14.22 38.37
C LYS B 440 -16.76 13.89 37.51
N LEU B 441 -16.64 14.55 36.36
CA LEU B 441 -15.51 14.30 35.49
C LEU B 441 -14.21 14.79 36.10
N SER B 442 -14.22 15.99 36.69
CA SER B 442 -13.02 16.47 37.37
C SER B 442 -12.55 15.44 38.39
N ILE B 443 -13.47 14.93 39.21
CA ILE B 443 -13.12 13.95 40.23
C ILE B 443 -12.50 12.73 39.58
N MET B 444 -13.15 12.22 38.54
CA MET B 444 -12.62 11.07 37.81
C MET B 444 -11.19 11.32 37.37
N ILE B 445 -10.92 12.47 36.74
CA ILE B 445 -9.58 12.73 36.27
C ILE B 445 -8.62 12.85 37.44
N GLU B 446 -9.09 13.42 38.55
CA GLU B 446 -8.26 13.53 39.75
C GLU B 446 -7.93 12.16 40.31
N GLU B 447 -8.90 11.25 40.31
CA GLU B 447 -8.77 9.98 41.01
C GLU B 447 -7.76 9.04 40.38
N CYS B 448 -7.44 9.24 39.10
CA CYS B 448 -6.58 8.30 38.38
C CYS B 448 -5.20 8.86 38.08
N GLY B 449 -4.82 9.98 38.71
CA GLY B 449 -3.54 10.60 38.46
C GLY B 449 -3.52 11.62 37.36
N GLY B 450 -4.67 12.04 36.86
CA GLY B 450 -4.74 12.90 35.70
C GLY B 450 -4.42 14.34 35.99
N LEU B 451 -4.95 14.87 37.09
CA LEU B 451 -4.73 16.28 37.41
C LEU B 451 -3.25 16.58 37.58
N ASP B 452 -2.49 15.65 38.17
CA ASP B 452 -1.05 15.84 38.29
C ASP B 452 -0.42 16.06 36.92
N LYS B 453 -0.76 15.21 35.97
CA LYS B 453 -0.13 15.29 34.65
C LYS B 453 -0.53 16.58 33.93
N ILE B 454 -1.78 16.99 34.06
CA ILE B 454 -2.23 18.19 33.36
C ILE B 454 -1.57 19.43 33.94
N GLU B 455 -1.48 19.49 35.27
CA GLU B 455 -0.85 20.64 35.92
C GLU B 455 0.63 20.71 35.58
N ALA B 456 1.32 19.57 35.58
CA ALA B 456 2.73 19.58 35.22
C ALA B 456 2.95 20.09 33.80
N LEU B 457 1.96 19.87 32.92
CA LEU B 457 2.13 20.26 31.52
C LEU B 457 2.03 21.77 31.31
N GLN B 458 1.44 22.50 32.27
CA GLN B 458 1.37 23.94 32.16
C GLN B 458 2.74 24.54 31.89
N ARG B 459 3.78 24.01 32.54
CA ARG B 459 5.15 24.48 32.34
C ARG B 459 5.82 23.49 31.37
N HIS B 460 5.45 23.62 30.10
CA HIS B 460 5.94 22.77 29.02
C HIS B 460 6.28 23.65 27.83
N GLU B 461 7.31 23.25 27.10
CA GLU B 461 7.84 24.03 25.99
C GLU B 461 6.75 24.54 25.06
N ASN B 462 6.14 23.62 24.31
CA ASN B 462 5.23 24.00 23.24
C ASN B 462 4.18 24.98 23.73
N GLU B 463 3.67 25.79 22.79
CA GLU B 463 2.69 26.82 23.14
C GLU B 463 1.29 26.25 23.26
N SER B 464 0.82 25.55 22.22
CA SER B 464 -0.51 24.95 22.28
C SER B 464 -0.66 24.11 23.55
N VAL B 465 0.43 23.45 23.96
CA VAL B 465 0.39 22.61 25.16
C VAL B 465 0.11 23.45 26.39
N TYR B 466 0.98 24.41 26.69
CA TYR B 466 0.82 25.19 27.92
C TYR B 466 -0.47 26.00 27.88
N LYS B 467 -0.87 26.49 26.72
CA LYS B 467 -2.11 27.25 26.63
C LYS B 467 -3.31 26.37 26.95
N ALA B 468 -3.37 25.18 26.36
CA ALA B 468 -4.54 24.33 26.55
C ALA B 468 -4.59 23.74 27.95
N SER B 469 -3.43 23.35 28.50
CA SER B 469 -3.44 22.78 29.84
C SER B 469 -3.79 23.83 30.89
N LEU B 470 -3.20 25.02 30.78
CA LEU B 470 -3.53 26.09 31.72
C LEU B 470 -5.02 26.43 31.67
N ASN B 471 -5.61 26.40 30.48
CA ASN B 471 -7.04 26.67 30.36
C ASN B 471 -7.85 25.64 31.14
N LEU B 472 -7.53 24.36 30.95
CA LEU B 472 -8.28 23.30 31.63
C LEU B 472 -8.22 23.46 33.14
N ILE B 473 -7.03 23.78 33.67
CA ILE B 473 -6.86 23.92 35.11
C ILE B 473 -7.71 25.07 35.63
N GLU B 474 -7.54 26.25 35.04
CA GLU B 474 -8.30 27.41 35.48
C GLU B 474 -9.79 27.14 35.47
N LYS B 475 -10.26 26.37 34.49
CA LYS B 475 -11.68 26.31 34.18
C LYS B 475 -12.44 25.22 34.92
N TYR B 476 -11.79 24.08 35.20
CA TYR B 476 -12.47 22.91 35.81
C TYR B 476 -11.82 22.48 37.12
N PHE B 477 -10.63 22.99 37.46
CA PHE B 477 -9.94 22.56 38.67
C PHE B 477 -9.60 23.76 39.55
N SER B 478 -10.62 24.61 39.78
CA SER B 478 -10.51 25.74 40.70
C SER B 478 -11.79 25.80 41.56
N THR C 2 -11.83 19.10 6.85
CA THR C 2 -12.15 17.70 7.12
C THR C 2 -11.28 17.18 8.24
N LYS C 3 -11.88 16.43 9.16
CA LYS C 3 -11.10 15.73 10.17
C LYS C 3 -10.46 14.46 9.65
N LYS C 4 -10.78 14.04 8.43
CA LYS C 4 -10.18 12.85 7.85
C LYS C 4 -8.72 13.12 7.50
N ARG C 5 -7.84 12.19 7.86
CA ARG C 5 -6.43 12.31 7.62
C ARG C 5 -5.97 11.24 6.62
N ARG C 6 -4.98 11.60 5.80
CA ARG C 6 -4.54 10.73 4.71
C ARG C 6 -3.20 10.11 5.04
N ARG C 7 -2.75 9.26 4.11
CA ARG C 7 -1.46 8.61 4.16
C ARG C 7 -0.36 9.53 3.65
#